data_5Z48
#
_entry.id   5Z48
#
_cell.length_a   89.069
_cell.length_b   46.918
_cell.length_c   105.584
_cell.angle_alpha   90.00
_cell.angle_beta   105.51
_cell.angle_gamma   90.00
#
_symmetry.space_group_name_H-M   'I 1 2 1'
#
loop_
_entity.id
_entity.type
_entity.pdbx_description
1 polymer 'Pyrrolidone-carboxylate peptidase'
2 non-polymer 'SODIUM ION'
3 non-polymer 'DIMETHYL SULFOXIDE'
4 non-polymer 'PYROGLUTAMIC ACID'
5 water water
#
_entity_poly.entity_id   1
_entity_poly.type   'polypeptide(L)'
_entity_poly.pdbx_seq_one_letter_code
;GSMPTLLLTGFEPFHTHPDNPSAQAAQELHGLELPGGWGVHSALLPVEPHAAGAALTRLLSEQDPGAVLLTGLAAGRPQV
TLERVGVGVMDFQIPDNAGQTYRDQPIEPDAPAAYLATLPLRAILAAWREAEIPGDISNSAGLYVCNFVLYHALHWLREH
GRGAVPCGFLHVPANAAVALAVPADRPPLPYLPQSEITRAVRVAAEAITAQSSVLQMGKM
;
_entity_poly.pdbx_strand_id   A,B
#
loop_
_chem_comp.id
_chem_comp.type
_chem_comp.name
_chem_comp.formula
DMS non-polymer 'DIMETHYL SULFOXIDE' 'C2 H6 O S'
NA non-polymer 'SODIUM ION' 'Na 1'
#
# COMPACT_ATOMS: atom_id res chain seq x y z
N GLY A 1 -23.46 -24.00 -6.07
CA GLY A 1 -24.23 -25.21 -5.82
C GLY A 1 -24.81 -25.22 -4.42
N SER A 2 -25.36 -26.37 -4.00
CA SER A 2 -26.05 -26.49 -2.71
C SER A 2 -25.11 -26.42 -1.52
N MET A 3 -23.85 -26.87 -1.66
CA MET A 3 -22.86 -26.87 -0.58
C MET A 3 -22.00 -25.62 -0.64
N PRO A 4 -21.40 -25.21 0.49
CA PRO A 4 -20.62 -23.98 0.46
C PRO A 4 -19.33 -24.17 -0.34
N THR A 5 -19.01 -23.17 -1.16
CA THR A 5 -17.85 -23.19 -2.06
C THR A 5 -16.86 -22.12 -1.68
N LEU A 6 -15.58 -22.51 -1.53
CA LEU A 6 -14.50 -21.53 -1.48
C LEU A 6 -13.97 -21.40 -2.90
N LEU A 7 -14.05 -20.18 -3.47
CA LEU A 7 -13.51 -19.93 -4.79
C LEU A 7 -12.02 -19.60 -4.64
N LEU A 8 -11.15 -20.38 -5.29
CA LEU A 8 -9.70 -20.23 -5.23
C LEU A 8 -9.20 -19.91 -6.63
N THR A 9 -8.53 -18.77 -6.82
CA THR A 9 -7.97 -18.46 -8.13
C THR A 9 -6.44 -18.33 -8.08
N GLY A 10 -5.82 -18.60 -9.24
CA GLY A 10 -4.41 -18.32 -9.48
C GLY A 10 -4.28 -17.65 -10.82
N PHE A 11 -3.06 -17.23 -11.15
CA PHE A 11 -2.79 -16.52 -12.40
C PHE A 11 -1.85 -17.33 -13.29
N GLU A 12 -1.98 -17.12 -14.63
CA GLU A 12 -1.02 -17.66 -15.63
C GLU A 12 0.39 -17.07 -15.48
N PRO A 13 1.40 -17.69 -16.12
CA PRO A 13 2.73 -17.07 -16.16
C PRO A 13 2.66 -15.72 -16.87
N PHE A 14 3.60 -14.84 -16.53
CA PHE A 14 3.66 -13.52 -17.13
C PHE A 14 5.09 -13.02 -17.07
N HIS A 15 5.35 -11.95 -17.83
CA HIS A 15 6.67 -11.31 -17.85
C HIS A 15 7.69 -12.37 -18.26
N THR A 16 8.83 -12.46 -17.59
CA THR A 16 9.85 -13.45 -17.93
C THR A 16 9.72 -14.74 -17.14
N HIS A 17 8.64 -14.88 -16.37
CA HIS A 17 8.49 -16.08 -15.51
C HIS A 17 7.91 -17.24 -16.30
N PRO A 18 8.54 -18.42 -16.30
CA PRO A 18 8.02 -19.54 -17.09
C PRO A 18 6.90 -20.30 -16.41
N ASP A 19 6.66 -20.06 -15.14
CA ASP A 19 5.69 -20.76 -14.33
C ASP A 19 5.07 -19.76 -13.39
N ASN A 20 3.90 -20.07 -12.87
CA ASN A 20 3.29 -19.24 -11.85
C ASN A 20 2.88 -20.14 -10.70
N PRO A 21 3.50 -20.01 -9.52
CA PRO A 21 3.16 -20.90 -8.40
C PRO A 21 1.71 -20.78 -7.97
N SER A 22 1.06 -19.64 -8.20
CA SER A 22 -0.35 -19.52 -7.84
C SER A 22 -1.22 -20.40 -8.73
N ALA A 23 -0.85 -20.53 -10.02
CA ALA A 23 -1.53 -21.46 -10.90
C ALA A 23 -1.39 -22.88 -10.41
N GLN A 24 -0.16 -23.26 -10.03
CA GLN A 24 0.09 -24.62 -9.60
C GLN A 24 -0.69 -24.94 -8.33
N ALA A 25 -0.71 -23.98 -7.39
CA ALA A 25 -1.43 -24.25 -6.14
C ALA A 25 -2.95 -24.39 -6.41
N ALA A 26 -3.52 -23.49 -7.23
CA ALA A 26 -4.96 -23.59 -7.50
C ALA A 26 -5.28 -24.92 -8.17
N GLN A 27 -4.44 -25.34 -9.13
CA GLN A 27 -4.71 -26.59 -9.80
C GLN A 27 -4.68 -27.79 -8.85
N GLU A 28 -3.74 -27.80 -7.91
N GLU A 28 -3.71 -27.81 -7.93
CA GLU A 28 -3.61 -28.96 -7.04
CA GLU A 28 -3.58 -28.94 -7.01
C GLU A 28 -4.69 -29.03 -5.98
C GLU A 28 -4.74 -29.03 -6.04
N LEU A 29 -5.27 -27.89 -5.61
CA LEU A 29 -6.28 -27.86 -4.55
C LEU A 29 -7.71 -27.88 -5.06
N HIS A 30 -7.92 -27.84 -6.39
CA HIS A 30 -9.28 -27.88 -6.88
C HIS A 30 -10.03 -29.12 -6.34
N GLY A 31 -11.27 -28.93 -5.88
CA GLY A 31 -12.06 -30.04 -5.37
C GLY A 31 -11.76 -30.48 -3.95
N LEU A 32 -10.78 -29.86 -3.26
CA LEU A 32 -10.49 -30.22 -1.88
C LEU A 32 -11.75 -30.09 -1.04
N GLU A 33 -12.06 -31.15 -0.29
CA GLU A 33 -13.15 -31.15 0.67
C GLU A 33 -12.60 -30.63 1.98
N LEU A 34 -13.26 -29.63 2.53
CA LEU A 34 -12.92 -29.03 3.80
C LEU A 34 -14.05 -29.29 4.81
N PRO A 35 -13.75 -29.21 6.11
CA PRO A 35 -14.76 -29.50 7.12
C PRO A 35 -15.96 -28.56 7.01
N GLY A 36 -17.11 -29.03 7.45
CA GLY A 36 -18.30 -28.23 7.36
C GLY A 36 -18.98 -28.27 6.01
N GLY A 37 -18.62 -29.23 5.15
CA GLY A 37 -19.24 -29.37 3.86
C GLY A 37 -18.68 -28.44 2.80
N TRP A 38 -17.59 -27.73 3.09
CA TRP A 38 -17.01 -26.80 2.14
C TRP A 38 -16.19 -27.54 1.09
N GLY A 39 -16.22 -27.03 -0.13
CA GLY A 39 -15.35 -27.51 -1.17
C GLY A 39 -14.68 -26.38 -1.93
N VAL A 40 -13.45 -26.62 -2.35
CA VAL A 40 -12.69 -25.66 -3.14
C VAL A 40 -13.07 -25.78 -4.60
N HIS A 41 -13.35 -24.64 -5.26
CA HIS A 41 -13.51 -24.57 -6.71
C HIS A 41 -12.38 -23.67 -7.23
N SER A 42 -11.50 -24.22 -8.07
CA SER A 42 -10.38 -23.44 -8.60
C SER A 42 -10.62 -22.92 -10.01
N ALA A 43 -9.93 -21.81 -10.31
CA ALA A 43 -9.89 -21.25 -11.65
C ALA A 43 -8.58 -20.51 -11.86
N LEU A 44 -8.15 -20.47 -13.13
N LEU A 44 -8.20 -20.44 -13.13
CA LEU A 44 -6.93 -19.83 -13.58
CA LEU A 44 -7.04 -19.70 -13.60
C LEU A 44 -7.25 -18.60 -14.43
C LEU A 44 -7.47 -18.41 -14.26
N LEU A 45 -6.83 -17.33 -13.89
CA LEU A 45 -7.12 -16.05 -14.52
C LEU A 45 -5.96 -15.63 -15.43
N PRO A 46 -6.25 -14.92 -16.53
CA PRO A 46 -5.17 -14.38 -17.37
C PRO A 46 -4.59 -13.13 -16.72
N VAL A 47 -3.31 -12.84 -17.05
CA VAL A 47 -2.67 -11.63 -16.52
C VAL A 47 -2.94 -10.46 -17.45
N GLU A 48 -4.20 -10.01 -17.43
CA GLU A 48 -4.67 -8.92 -18.29
C GLU A 48 -6.00 -8.51 -17.66
N PRO A 49 -6.17 -7.24 -17.25
CA PRO A 49 -7.31 -6.89 -16.37
C PRO A 49 -8.69 -7.01 -17.03
N HIS A 50 -8.84 -6.68 -18.31
CA HIS A 50 -10.17 -6.78 -18.90
C HIS A 50 -10.67 -8.22 -18.90
N ALA A 51 -9.83 -9.15 -19.37
CA ALA A 51 -10.25 -10.55 -19.43
C ALA A 51 -10.33 -11.15 -18.03
N ALA A 52 -9.40 -10.73 -17.15
CA ALA A 52 -9.44 -11.26 -15.78
C ALA A 52 -10.69 -10.81 -15.05
N GLY A 53 -11.07 -9.53 -15.20
CA GLY A 53 -12.28 -9.05 -14.57
C GLY A 53 -13.52 -9.77 -15.07
N ALA A 54 -13.60 -9.98 -16.39
CA ALA A 54 -14.75 -10.66 -16.98
C ALA A 54 -14.82 -12.10 -16.45
N ALA A 55 -13.67 -12.78 -16.38
CA ALA A 55 -13.68 -14.17 -15.92
C ALA A 55 -14.04 -14.25 -14.46
N LEU A 56 -13.54 -13.29 -13.66
CA LEU A 56 -13.78 -13.32 -12.23
C LEU A 56 -15.24 -12.98 -11.95
N THR A 57 -15.83 -12.03 -12.70
CA THR A 57 -17.25 -11.76 -12.53
C THR A 57 -18.09 -13.00 -12.83
N ARG A 58 -17.76 -13.72 -13.91
CA ARG A 58 -18.49 -14.95 -14.21
C ARG A 58 -18.37 -15.97 -13.08
N LEU A 59 -17.16 -16.12 -12.51
CA LEU A 59 -16.98 -17.05 -11.40
C LEU A 59 -17.78 -16.64 -10.17
N LEU A 60 -17.74 -15.34 -9.81
CA LEU A 60 -18.48 -14.90 -8.64
C LEU A 60 -19.98 -15.13 -8.82
N SER A 61 -20.49 -14.88 -10.02
CA SER A 61 -21.91 -15.07 -10.31
C SER A 61 -22.29 -16.56 -10.38
N GLU A 62 -21.54 -17.35 -11.14
CA GLU A 62 -21.94 -18.74 -11.42
C GLU A 62 -21.57 -19.69 -10.28
N GLN A 63 -20.44 -19.46 -9.61
CA GLN A 63 -20.03 -20.37 -8.54
C GLN A 63 -20.63 -19.98 -7.20
N ASP A 64 -21.11 -18.74 -7.08
CA ASP A 64 -21.82 -18.28 -5.89
C ASP A 64 -21.08 -18.66 -4.60
N PRO A 65 -19.83 -18.24 -4.46
CA PRO A 65 -19.01 -18.77 -3.36
C PRO A 65 -19.36 -18.16 -2.01
N GLY A 66 -19.10 -18.94 -0.95
CA GLY A 66 -19.21 -18.45 0.42
C GLY A 66 -17.96 -17.75 0.91
N ALA A 67 -16.85 -17.89 0.19
CA ALA A 67 -15.58 -17.25 0.49
C ALA A 67 -14.75 -17.21 -0.78
N VAL A 68 -13.85 -16.22 -0.88
CA VAL A 68 -13.05 -16.00 -2.08
C VAL A 68 -11.59 -15.80 -1.68
N LEU A 69 -10.71 -16.66 -2.20
CA LEU A 69 -9.28 -16.62 -1.96
C LEU A 69 -8.59 -16.44 -3.31
N LEU A 70 -8.17 -15.20 -3.62
CA LEU A 70 -7.47 -14.88 -4.87
C LEU A 70 -5.96 -14.99 -4.59
N THR A 71 -5.21 -15.69 -5.47
CA THR A 71 -3.77 -15.85 -5.23
C THR A 71 -2.94 -15.42 -6.45
N GLY A 72 -1.66 -15.11 -6.21
CA GLY A 72 -0.81 -14.65 -7.30
C GLY A 72 0.64 -14.65 -6.82
N LEU A 73 1.54 -14.52 -7.79
CA LEU A 73 2.99 -14.50 -7.57
C LEU A 73 3.44 -13.10 -7.17
N ALA A 74 4.27 -13.03 -6.13
CA ALA A 74 4.98 -11.80 -5.77
C ALA A 74 6.47 -12.14 -5.79
N ALA A 75 7.06 -12.16 -7.00
CA ALA A 75 8.46 -12.54 -7.12
C ALA A 75 9.36 -11.52 -6.42
N GLY A 76 10.12 -12.01 -5.44
CA GLY A 76 10.97 -11.19 -4.61
C GLY A 76 10.59 -11.25 -3.14
N ARG A 77 9.31 -11.52 -2.86
CA ARG A 77 8.90 -11.63 -1.45
C ARG A 77 9.36 -12.97 -0.86
N PRO A 78 9.84 -12.98 0.38
CA PRO A 78 10.37 -14.22 0.99
C PRO A 78 9.30 -15.14 1.57
N GLN A 79 8.11 -14.65 1.91
CA GLN A 79 7.13 -15.44 2.66
C GLN A 79 5.76 -15.12 2.12
N VAL A 80 4.84 -16.07 2.28
CA VAL A 80 3.45 -15.80 1.90
C VAL A 80 2.93 -14.58 2.64
N THR A 81 2.09 -13.80 1.95
CA THR A 81 1.52 -12.59 2.54
C THR A 81 0.04 -12.46 2.18
N LEU A 82 -0.71 -11.83 3.08
CA LEU A 82 -2.13 -11.55 2.90
C LEU A 82 -2.28 -10.05 2.66
N GLU A 83 -2.96 -9.69 1.57
CA GLU A 83 -3.15 -8.27 1.25
C GLU A 83 -4.26 -7.66 2.08
N ARG A 84 -3.94 -6.54 2.75
CA ARG A 84 -4.96 -5.86 3.52
C ARG A 84 -5.90 -5.04 2.66
N VAL A 85 -5.43 -4.49 1.54
CA VAL A 85 -6.19 -3.45 0.86
C VAL A 85 -6.02 -3.55 -0.65
N GLY A 86 -7.12 -3.42 -1.37
CA GLY A 86 -7.12 -3.30 -2.82
C GLY A 86 -7.42 -1.86 -3.17
N VAL A 87 -6.54 -1.24 -3.97
CA VAL A 87 -6.62 0.18 -4.31
C VAL A 87 -7.22 0.36 -5.71
N GLY A 88 -8.10 1.33 -5.87
CA GLY A 88 -8.82 1.52 -7.14
C GLY A 88 -8.03 2.20 -8.26
N VAL A 89 -6.78 1.80 -8.47
CA VAL A 89 -5.92 2.41 -9.49
C VAL A 89 -5.17 1.29 -10.20
N MET A 90 -5.02 1.42 -11.51
N MET A 90 -4.99 1.44 -11.50
CA MET A 90 -4.12 0.59 -12.30
CA MET A 90 -4.13 0.60 -12.33
C MET A 90 -2.92 1.42 -12.72
C MET A 90 -2.91 1.42 -12.75
N ASP A 91 -1.74 0.97 -12.31
CA ASP A 91 -0.50 1.64 -12.69
C ASP A 91 0.55 0.54 -12.83
N PHE A 92 0.93 0.26 -14.09
CA PHE A 92 1.70 -0.93 -14.40
C PHE A 92 3.16 -0.57 -14.60
N GLN A 93 4.05 -1.21 -13.84
CA GLN A 93 5.49 -1.03 -14.03
C GLN A 93 6.05 -1.88 -15.17
N ILE A 94 5.40 -2.99 -15.49
CA ILE A 94 5.69 -3.82 -16.65
C ILE A 94 4.39 -4.04 -17.40
N PRO A 95 4.46 -4.35 -18.69
CA PRO A 95 3.23 -4.58 -19.44
C PRO A 95 2.54 -5.85 -18.93
N ASP A 96 1.24 -5.91 -19.18
CA ASP A 96 0.50 -7.14 -18.92
C ASP A 96 0.68 -8.09 -20.10
N ASN A 97 -0.03 -9.22 -20.10
CA ASN A 97 0.18 -10.23 -21.14
C ASN A 97 -0.45 -9.85 -22.47
N ALA A 98 -1.16 -8.74 -22.55
CA ALA A 98 -1.55 -8.16 -23.84
C ALA A 98 -0.59 -7.07 -24.29
N GLY A 99 0.50 -6.88 -23.55
CA GLY A 99 1.45 -5.83 -23.88
C GLY A 99 1.01 -4.45 -23.46
N GLN A 100 -0.01 -4.35 -22.64
CA GLN A 100 -0.62 -3.08 -22.29
C GLN A 100 -0.06 -2.54 -20.96
N THR A 101 -0.02 -1.23 -20.86
CA THR A 101 0.25 -0.61 -19.55
C THR A 101 -0.84 0.42 -19.28
N TYR A 102 -1.00 0.74 -18.00
CA TYR A 102 -1.92 1.77 -17.52
C TYR A 102 -1.12 2.68 -16.61
N ARG A 103 -1.39 4.01 -16.68
CA ARG A 103 -0.71 5.00 -15.84
C ARG A 103 -1.74 5.75 -15.01
N ASP A 104 -1.70 5.57 -13.68
CA ASP A 104 -2.57 6.32 -12.77
C ASP A 104 -4.04 6.22 -13.16
N GLN A 105 -4.49 5.03 -13.55
CA GLN A 105 -5.81 4.92 -14.18
C GLN A 105 -6.82 4.46 -13.13
N PRO A 106 -7.88 5.23 -12.82
CA PRO A 106 -8.89 4.70 -11.89
C PRO A 106 -9.56 3.44 -12.47
N ILE A 107 -9.83 2.48 -11.58
CA ILE A 107 -10.44 1.23 -12.08
C ILE A 107 -11.88 1.47 -12.52
N GLU A 108 -12.63 2.23 -11.77
CA GLU A 108 -14.03 2.53 -12.07
C GLU A 108 -14.28 3.97 -11.66
N PRO A 109 -14.77 4.82 -12.56
CA PRO A 109 -15.15 6.18 -12.15
C PRO A 109 -16.24 6.10 -11.09
N ASP A 110 -16.16 6.98 -10.10
CA ASP A 110 -17.17 7.14 -9.06
C ASP A 110 -17.24 5.93 -8.14
N ALA A 111 -16.11 5.24 -7.92
CA ALA A 111 -16.13 4.10 -7.01
C ALA A 111 -15.11 4.38 -5.91
N PRO A 112 -15.11 3.60 -4.83
CA PRO A 112 -14.23 3.94 -3.69
C PRO A 112 -12.77 3.91 -4.07
N ALA A 113 -12.00 4.74 -3.35
CA ALA A 113 -10.55 4.72 -3.53
C ALA A 113 -9.94 3.36 -3.20
N ALA A 114 -10.54 2.63 -2.27
CA ALA A 114 -10.02 1.32 -1.91
C ALA A 114 -11.12 0.47 -1.29
N TYR A 115 -10.85 -0.84 -1.23
CA TYR A 115 -11.60 -1.79 -0.40
C TYR A 115 -10.66 -2.54 0.51
N LEU A 116 -10.99 -2.63 1.80
CA LEU A 116 -10.26 -3.53 2.69
C LEU A 116 -10.68 -4.98 2.42
N ALA A 117 -9.67 -5.87 2.40
CA ALA A 117 -9.97 -7.31 2.35
C ALA A 117 -10.81 -7.71 3.56
N THR A 118 -11.70 -8.69 3.36
CA THR A 118 -12.63 -9.11 4.40
C THR A 118 -12.36 -10.56 4.86
N LEU A 119 -11.20 -11.11 4.50
CA LEU A 119 -10.77 -12.39 5.09
C LEU A 119 -10.41 -12.18 6.57
N PRO A 120 -10.45 -13.26 7.36
CA PRO A 120 -10.06 -13.23 8.80
C PRO A 120 -8.53 -13.26 8.90
N LEU A 121 -7.93 -12.08 8.70
CA LEU A 121 -6.47 -12.02 8.51
C LEU A 121 -5.70 -12.62 9.67
N ARG A 122 -6.03 -12.24 10.91
CA ARG A 122 -5.25 -12.75 12.04
C ARG A 122 -5.45 -14.26 12.25
N ALA A 123 -6.63 -14.77 11.94
CA ALA A 123 -6.84 -16.23 12.07
C ALA A 123 -6.00 -16.99 11.06
N ILE A 124 -5.84 -16.44 9.85
CA ILE A 124 -4.99 -17.09 8.85
C ILE A 124 -3.54 -17.05 9.31
N LEU A 125 -3.05 -15.87 9.77
CA LEU A 125 -1.67 -15.80 10.28
C LEU A 125 -1.43 -16.82 11.38
N ALA A 126 -2.41 -16.97 12.26
CA ALA A 126 -2.25 -17.90 13.38
C ALA A 126 -2.21 -19.34 12.90
N ALA A 127 -3.05 -19.67 11.90
CA ALA A 127 -3.04 -21.01 11.34
C ALA A 127 -1.71 -21.31 10.63
N TRP A 128 -1.19 -20.34 9.89
CA TRP A 128 0.13 -20.51 9.28
C TRP A 128 1.18 -20.79 10.34
N ARG A 129 1.18 -19.97 11.40
CA ARG A 129 2.20 -20.18 12.44
C ARG A 129 2.08 -21.55 13.08
N GLU A 130 0.85 -22.00 13.32
CA GLU A 130 0.70 -23.33 13.90
C GLU A 130 1.22 -24.42 12.97
N ALA A 131 1.12 -24.19 11.65
CA ALA A 131 1.64 -25.11 10.64
C ALA A 131 3.13 -24.87 10.31
N GLU A 132 3.80 -24.02 11.11
CA GLU A 132 5.23 -23.68 10.93
C GLU A 132 5.52 -22.97 9.61
N ILE A 133 4.59 -22.13 9.18
CA ILE A 133 4.72 -21.35 7.95
C ILE A 133 4.87 -19.88 8.33
N PRO A 134 6.03 -19.29 8.05
CA PRO A 134 6.20 -17.84 8.23
C PRO A 134 5.31 -17.06 7.27
N GLY A 135 4.75 -15.95 7.75
CA GLY A 135 3.90 -15.15 6.85
C GLY A 135 3.48 -13.86 7.53
N ASP A 136 2.83 -12.98 6.77
CA ASP A 136 2.48 -11.68 7.34
C ASP A 136 1.41 -11.04 6.46
N ILE A 137 0.90 -9.91 6.95
CA ILE A 137 0.00 -9.02 6.20
C ILE A 137 0.87 -8.04 5.40
N SER A 138 0.46 -7.81 4.15
CA SER A 138 1.00 -6.79 3.25
C SER A 138 -0.02 -5.67 3.10
N ASN A 139 0.46 -4.42 3.08
CA ASN A 139 -0.42 -3.26 2.95
C ASN A 139 -0.38 -2.64 1.58
N SER A 140 0.31 -3.27 0.63
CA SER A 140 0.13 -2.92 -0.78
C SER A 140 0.31 -4.16 -1.63
N ALA A 141 -0.66 -4.40 -2.49
CA ALA A 141 -0.65 -5.51 -3.43
C ALA A 141 -0.01 -5.13 -4.77
N GLY A 142 0.66 -3.96 -4.83
CA GLY A 142 1.00 -3.35 -6.11
C GLY A 142 -0.24 -2.75 -6.73
N LEU A 143 -0.07 -2.21 -7.96
CA LEU A 143 -1.20 -1.68 -8.73
C LEU A 143 -1.29 -2.37 -10.11
N TYR A 144 -0.84 -3.63 -10.16
CA TYR A 144 -0.84 -4.45 -11.36
C TYR A 144 -2.09 -5.34 -11.34
N VAL A 145 -2.04 -6.52 -11.93
CA VAL A 145 -3.31 -7.24 -12.14
C VAL A 145 -3.81 -7.92 -10.84
N CYS A 146 -2.92 -8.36 -9.95
CA CYS A 146 -3.37 -8.92 -8.67
C CYS A 146 -4.17 -7.92 -7.85
N ASN A 147 -3.64 -6.69 -7.71
CA ASN A 147 -4.43 -5.67 -7.04
C ASN A 147 -5.74 -5.43 -7.75
N PHE A 148 -5.72 -5.39 -9.09
CA PHE A 148 -6.93 -5.15 -9.85
C PHE A 148 -8.00 -6.16 -9.49
N VAL A 149 -7.65 -7.45 -9.43
CA VAL A 149 -8.73 -8.45 -9.19
C VAL A 149 -9.20 -8.42 -7.74
N LEU A 150 -8.32 -8.04 -6.81
CA LEU A 150 -8.74 -7.88 -5.41
C LEU A 150 -9.78 -6.78 -5.30
N TYR A 151 -9.47 -5.61 -5.89
CA TYR A 151 -10.45 -4.51 -5.90
C TYR A 151 -11.72 -4.92 -6.62
N HIS A 152 -11.56 -5.54 -7.79
CA HIS A 152 -12.73 -5.94 -8.61
C HIS A 152 -13.66 -6.85 -7.83
N ALA A 153 -13.10 -7.86 -7.16
CA ALA A 153 -13.97 -8.81 -6.45
C ALA A 153 -14.64 -8.16 -5.25
N LEU A 154 -13.90 -7.35 -4.46
CA LEU A 154 -14.51 -6.72 -3.30
C LEU A 154 -15.62 -5.76 -3.74
N HIS A 155 -15.40 -5.02 -4.82
CA HIS A 155 -16.43 -4.11 -5.33
C HIS A 155 -17.65 -4.89 -5.85
N TRP A 156 -17.42 -5.94 -6.63
CA TRP A 156 -18.55 -6.74 -7.15
C TRP A 156 -19.39 -7.30 -6.01
N LEU A 157 -18.74 -7.87 -5.00
CA LEU A 157 -19.48 -8.46 -3.89
C LEU A 157 -20.32 -7.41 -3.19
N ARG A 158 -19.72 -6.23 -2.89
CA ARG A 158 -20.48 -5.18 -2.21
C ARG A 158 -21.63 -4.69 -3.08
N GLU A 159 -21.37 -4.52 -4.38
CA GLU A 159 -22.44 -4.04 -5.26
C GLU A 159 -23.56 -5.05 -5.45
N HIS A 160 -23.34 -6.32 -5.11
CA HIS A 160 -24.36 -7.34 -5.22
C HIS A 160 -24.92 -7.75 -3.86
N GLY A 161 -24.71 -6.91 -2.84
CA GLY A 161 -25.25 -7.23 -1.52
C GLY A 161 -24.55 -8.38 -0.82
N ARG A 162 -23.32 -8.71 -1.23
CA ARG A 162 -22.59 -9.87 -0.74
C ARG A 162 -21.30 -9.46 -0.05
N GLY A 163 -21.28 -8.25 0.52
CA GLY A 163 -20.11 -7.78 1.23
C GLY A 163 -19.72 -8.64 2.42
N ALA A 164 -20.65 -9.45 2.94
CA ALA A 164 -20.31 -10.34 4.03
C ALA A 164 -19.53 -11.57 3.57
N VAL A 165 -19.42 -11.83 2.27
CA VAL A 165 -18.62 -12.97 1.78
C VAL A 165 -17.14 -12.66 1.98
N PRO A 166 -16.42 -13.41 2.82
CA PRO A 166 -15.00 -13.11 3.04
C PRO A 166 -14.21 -13.24 1.75
N CYS A 167 -13.41 -12.22 1.48
CA CYS A 167 -12.72 -12.13 0.19
C CYS A 167 -11.38 -11.42 0.35
N GLY A 168 -10.34 -12.00 -0.20
CA GLY A 168 -9.05 -11.36 -0.08
C GLY A 168 -8.03 -11.95 -1.03
N PHE A 169 -6.77 -11.52 -0.84
CA PHE A 169 -5.67 -11.88 -1.73
C PHE A 169 -4.50 -12.45 -0.97
N LEU A 170 -3.90 -13.49 -1.54
CA LEU A 170 -2.74 -14.17 -0.97
C LEU A 170 -1.64 -14.17 -2.01
N HIS A 171 -0.57 -13.40 -1.78
CA HIS A 171 0.59 -13.39 -2.66
CA HIS A 171 0.60 -13.37 -2.65
C HIS A 171 1.59 -14.43 -2.19
N VAL A 172 2.17 -15.16 -3.15
CA VAL A 172 3.13 -16.21 -2.82
C VAL A 172 4.51 -15.90 -3.37
N PRO A 173 5.57 -16.39 -2.74
CA PRO A 173 6.89 -16.26 -3.34
C PRO A 173 7.06 -17.01 -4.65
N ALA A 174 8.19 -16.73 -5.30
CA ALA A 174 8.66 -17.57 -6.41
C ALA A 174 8.73 -19.03 -5.94
N ASN A 175 8.46 -19.97 -6.85
CA ASN A 175 8.84 -21.35 -6.62
C ASN A 175 10.21 -21.58 -7.25
N ALA A 176 10.67 -22.85 -7.27
CA ALA A 176 12.00 -23.11 -7.81
C ALA A 176 12.07 -22.75 -9.29
N ALA A 177 11.01 -23.06 -10.06
CA ALA A 177 11.03 -22.79 -11.49
C ALA A 177 11.17 -21.29 -11.76
N VAL A 178 10.46 -20.45 -10.99
CA VAL A 178 10.60 -19.00 -11.17
C VAL A 178 12.03 -18.58 -10.84
N ALA A 179 12.58 -19.09 -9.72
CA ALA A 179 13.92 -18.67 -9.30
C ALA A 179 15.00 -19.12 -10.27
N LEU A 180 14.85 -20.33 -10.85
CA LEU A 180 15.84 -20.89 -11.76
C LEU A 180 15.95 -20.12 -13.07
N ALA A 181 14.91 -19.39 -13.46
CA ALA A 181 14.87 -18.65 -14.73
C ALA A 181 15.45 -17.24 -14.65
N VAL A 182 15.74 -16.74 -13.45
CA VAL A 182 16.33 -15.40 -13.29
C VAL A 182 17.70 -15.31 -13.97
N PRO A 183 17.95 -14.27 -14.78
CA PRO A 183 19.24 -14.13 -15.46
C PRO A 183 20.40 -13.92 -14.50
N ALA A 184 21.60 -14.24 -15.02
CA ALA A 184 22.81 -14.19 -14.21
C ALA A 184 23.19 -12.78 -13.79
N ASP A 185 22.71 -11.77 -14.49
CA ASP A 185 23.02 -10.40 -14.16
C ASP A 185 22.08 -9.80 -13.13
N ARG A 186 21.10 -10.57 -12.64
CA ARG A 186 20.07 -10.07 -11.75
C ARG A 186 20.20 -10.72 -10.38
N PRO A 187 19.67 -10.08 -9.34
CA PRO A 187 19.82 -10.64 -8.00
C PRO A 187 19.02 -11.92 -7.86
N PRO A 188 19.48 -12.85 -7.06
CA PRO A 188 18.69 -14.06 -6.84
C PRO A 188 17.41 -13.79 -6.08
N LEU A 189 16.36 -14.61 -6.38
CA LEU A 189 15.07 -14.47 -5.73
C LEU A 189 14.98 -15.37 -4.51
N PRO A 190 14.43 -14.87 -3.40
CA PRO A 190 13.84 -15.79 -2.42
C PRO A 190 12.85 -16.69 -3.12
N TYR A 191 12.75 -17.93 -2.66
CA TYR A 191 11.81 -18.87 -3.25
C TYR A 191 11.37 -19.90 -2.21
N LEU A 192 10.34 -20.64 -2.55
CA LEU A 192 9.90 -21.77 -1.76
C LEU A 192 9.61 -22.91 -2.71
N PRO A 193 9.86 -24.16 -2.30
CA PRO A 193 9.38 -25.27 -3.12
C PRO A 193 7.87 -25.17 -3.30
N GLN A 194 7.40 -25.62 -4.47
CA GLN A 194 5.97 -25.52 -4.73
C GLN A 194 5.15 -26.20 -3.62
N SER A 195 5.63 -27.33 -3.08
CA SER A 195 4.81 -28.02 -2.08
C SER A 195 4.58 -27.17 -0.83
N GLU A 196 5.57 -26.32 -0.48
CA GLU A 196 5.41 -25.39 0.64
C GLU A 196 4.37 -24.31 0.31
N ILE A 197 4.43 -23.78 -0.92
CA ILE A 197 3.46 -22.76 -1.36
C ILE A 197 2.06 -23.34 -1.36
N THR A 198 1.88 -24.51 -1.98
CA THR A 198 0.55 -25.11 -2.02
C THR A 198 0.03 -25.37 -0.60
N ARG A 199 0.87 -25.88 0.29
CA ARG A 199 0.44 -26.09 1.67
C ARG A 199 0.01 -24.79 2.34
N ALA A 200 0.72 -23.69 2.09
CA ALA A 200 0.32 -22.42 2.68
C ALA A 200 -1.06 -21.99 2.18
N VAL A 201 -1.31 -22.16 0.88
CA VAL A 201 -2.63 -21.81 0.34
C VAL A 201 -3.70 -22.70 0.97
N ARG A 202 -3.40 -23.99 1.12
CA ARG A 202 -4.34 -24.93 1.73
C ARG A 202 -4.67 -24.55 3.17
N VAL A 203 -3.64 -24.21 3.97
CA VAL A 203 -3.84 -23.82 5.37
C VAL A 203 -4.67 -22.54 5.46
N ALA A 204 -4.43 -21.57 4.56
CA ALA A 204 -5.27 -20.39 4.54
C ALA A 204 -6.72 -20.72 4.21
N ALA A 205 -6.94 -21.58 3.19
CA ALA A 205 -8.30 -21.94 2.81
C ALA A 205 -9.03 -22.59 3.98
N GLU A 206 -8.33 -23.49 4.71
CA GLU A 206 -8.93 -24.20 5.84
C GLU A 206 -9.29 -23.22 6.96
N ALA A 207 -8.42 -22.21 7.20
CA ALA A 207 -8.70 -21.22 8.24
C ALA A 207 -9.89 -20.36 7.88
N ILE A 208 -10.00 -19.98 6.59
CA ILE A 208 -11.12 -19.14 6.14
C ILE A 208 -12.45 -19.85 6.33
N THR A 209 -12.52 -21.12 5.93
CA THR A 209 -13.80 -21.80 6.04
C THR A 209 -14.12 -22.20 7.47
N ALA A 210 -13.10 -22.46 8.28
CA ALA A 210 -13.32 -22.72 9.69
C ALA A 210 -13.97 -21.50 10.37
N GLN A 211 -13.58 -20.28 9.95
CA GLN A 211 -14.13 -19.07 10.56
C GLN A 211 -15.57 -18.82 10.09
N SER A 212 -15.85 -19.08 8.82
CA SER A 212 -17.20 -18.96 8.30
C SER A 212 -18.08 -20.10 8.77
N GLY B 1 -5.24 33.58 4.77
CA GLY B 1 -4.35 34.63 5.21
C GLY B 1 -3.71 35.39 4.06
N SER B 2 -4.49 36.30 3.46
CA SER B 2 -4.10 37.09 2.29
C SER B 2 -3.46 36.26 1.19
N MET B 3 -2.15 36.03 1.30
CA MET B 3 -1.39 35.35 0.27
C MET B 3 -1.53 33.84 0.47
N PRO B 4 -1.39 33.04 -0.59
CA PRO B 4 -1.55 31.59 -0.41
C PRO B 4 -0.42 30.97 0.39
N THR B 5 -0.80 30.03 1.25
CA THR B 5 0.15 29.36 2.14
C THR B 5 0.25 27.89 1.76
N LEU B 6 1.48 27.40 1.64
CA LEU B 6 1.69 25.96 1.60
C LEU B 6 2.03 25.52 3.03
N LEU B 7 1.21 24.62 3.59
CA LEU B 7 1.50 24.06 4.91
C LEU B 7 2.48 22.91 4.77
N LEU B 8 3.63 23.01 5.43
CA LEU B 8 4.68 21.99 5.36
C LEU B 8 4.89 21.42 6.75
N THR B 9 4.73 20.09 6.92
CA THR B 9 4.96 19.53 8.26
C THR B 9 6.08 18.48 8.21
N GLY B 10 6.73 18.32 9.36
CA GLY B 10 7.66 17.21 9.59
C GLY B 10 7.33 16.59 10.94
N PHE B 11 8.04 15.50 11.24
CA PHE B 11 7.84 14.80 12.50
C PHE B 11 9.08 14.86 13.39
N GLU B 12 8.86 14.76 14.71
CA GLU B 12 9.96 14.63 15.71
C GLU B 12 10.69 13.28 15.60
N PRO B 13 11.87 13.16 16.23
CA PRO B 13 12.52 11.84 16.29
C PRO B 13 11.64 10.84 17.00
N PHE B 14 11.85 9.56 16.68
CA PHE B 14 11.05 8.48 17.24
C PHE B 14 11.88 7.21 17.18
N HIS B 15 11.41 6.20 17.88
CA HIS B 15 12.07 4.89 17.92
C HIS B 15 13.51 5.09 18.39
N THR B 16 14.50 4.46 17.73
CA THR B 16 15.90 4.60 18.10
C THR B 16 16.60 5.70 17.31
N HIS B 17 15.86 6.47 16.52
CA HIS B 17 16.46 7.50 15.67
C HIS B 17 16.73 8.77 16.48
N PRO B 18 17.94 9.32 16.44
CA PRO B 18 18.26 10.53 17.22
C PRO B 18 17.84 11.81 16.55
N ASP B 19 17.46 11.75 15.30
CA ASP B 19 17.15 12.90 14.47
C ASP B 19 16.03 12.48 13.54
N ASN B 20 15.30 13.45 13.01
CA ASN B 20 14.29 13.16 11.98
C ASN B 20 14.54 14.12 10.83
N PRO B 21 14.97 13.63 9.66
CA PRO B 21 15.26 14.54 8.53
C PRO B 21 14.03 15.33 8.08
N SER B 22 12.81 14.84 8.32
CA SER B 22 11.63 15.63 7.95
C SER B 22 11.50 16.83 8.84
N ALA B 23 11.83 16.71 10.13
CA ALA B 23 11.86 17.88 11.00
C ALA B 23 12.88 18.90 10.52
N GLN B 24 14.08 18.42 10.18
CA GLN B 24 15.13 19.37 9.75
C GLN B 24 14.70 20.12 8.49
N ALA B 25 14.11 19.41 7.53
CA ALA B 25 13.70 20.09 6.30
C ALA B 25 12.60 21.09 6.55
N ALA B 26 11.59 20.71 7.36
CA ALA B 26 10.52 21.67 7.65
C ALA B 26 11.09 22.91 8.33
N GLN B 27 12.02 22.72 9.27
CA GLN B 27 12.60 23.85 9.97
C GLN B 27 13.34 24.78 9.01
N GLU B 28 14.12 24.22 8.09
CA GLU B 28 14.91 25.05 7.20
C GLU B 28 14.07 25.80 6.19
N LEU B 29 12.93 25.24 5.79
CA LEU B 29 12.14 25.82 4.73
C LEU B 29 11.03 26.74 5.25
N HIS B 30 10.83 26.83 6.57
CA HIS B 30 9.79 27.72 7.05
C HIS B 30 9.97 29.15 6.54
N GLY B 31 8.88 29.75 6.07
CA GLY B 31 8.89 31.11 5.58
C GLY B 31 9.40 31.29 4.16
N LEU B 32 9.81 30.22 3.48
CA LEU B 32 10.28 30.34 2.11
C LEU B 32 9.20 30.99 1.25
N GLU B 33 9.61 32.02 0.50
CA GLU B 33 8.74 32.64 -0.47
C GLU B 33 8.88 31.91 -1.79
N LEU B 34 7.77 31.50 -2.35
CA LEU B 34 7.70 30.84 -3.63
C LEU B 34 7.00 31.74 -4.64
N PRO B 35 7.21 31.50 -5.94
CA PRO B 35 6.58 32.36 -6.94
C PRO B 35 5.06 32.34 -6.84
N GLY B 36 4.46 33.42 -7.31
CA GLY B 36 3.02 33.54 -7.24
C GLY B 36 2.50 34.02 -5.91
N GLY B 37 3.36 34.54 -5.05
CA GLY B 37 2.92 35.01 -3.76
C GLY B 37 2.79 33.95 -2.70
N TRP B 38 3.24 32.71 -2.98
CA TRP B 38 3.13 31.62 -2.03
C TRP B 38 4.21 31.71 -0.96
N GLY B 39 3.83 31.32 0.26
CA GLY B 39 4.79 31.20 1.34
C GLY B 39 4.58 29.89 2.06
N VAL B 40 5.69 29.34 2.51
CA VAL B 40 5.72 28.08 3.27
C VAL B 40 5.53 28.40 4.75
N HIS B 41 4.60 27.70 5.41
CA HIS B 41 4.43 27.75 6.86
C HIS B 41 4.74 26.36 7.37
N SER B 42 5.77 26.21 8.20
CA SER B 42 6.14 24.88 8.69
C SER B 42 5.66 24.64 10.11
N ALA B 43 5.46 23.35 10.43
CA ALA B 43 5.16 22.90 11.78
C ALA B 43 5.71 21.50 12.00
N LEU B 44 6.01 21.21 13.27
N LEU B 44 6.08 21.23 13.23
CA LEU B 44 6.60 19.94 13.71
CA LEU B 44 6.48 19.88 13.60
C LEU B 44 5.60 19.16 14.54
C LEU B 44 5.33 19.19 14.33
N LEU B 45 5.14 17.93 13.99
CA LEU B 45 4.14 17.09 14.64
C LEU B 45 4.78 16.04 15.56
N PRO B 46 4.11 15.69 16.66
CA PRO B 46 4.60 14.58 17.48
C PRO B 46 4.30 13.24 16.82
N VAL B 47 5.12 12.23 17.15
CA VAL B 47 4.90 10.88 16.62
C VAL B 47 3.96 10.14 17.56
N GLU B 48 2.71 10.54 17.55
CA GLU B 48 1.68 9.98 18.40
C GLU B 48 0.38 10.43 17.75
N PRO B 49 -0.52 9.52 17.36
CA PRO B 49 -1.61 9.92 16.45
C PRO B 49 -2.62 10.88 17.03
N HIS B 50 -3.00 10.73 18.30
CA HIS B 50 -4.03 11.62 18.83
C HIS B 50 -3.53 13.06 18.85
N ALA B 51 -2.31 13.28 19.33
CA ALA B 51 -1.80 14.64 19.40
C ALA B 51 -1.46 15.16 18.01
N ALA B 52 -0.94 14.29 17.13
CA ALA B 52 -0.62 14.73 15.77
C ALA B 52 -1.89 15.14 15.02
N GLY B 53 -2.97 14.36 15.17
CA GLY B 53 -4.21 14.74 14.54
C GLY B 53 -4.76 16.06 15.05
N ALA B 54 -4.72 16.26 16.39
CA ALA B 54 -5.24 17.51 16.95
C ALA B 54 -4.42 18.69 16.46
N ALA B 55 -3.10 18.53 16.40
CA ALA B 55 -2.25 19.63 15.96
C ALA B 55 -2.47 19.93 14.48
N LEU B 56 -2.65 18.87 13.68
CA LEU B 56 -2.82 19.03 12.23
C LEU B 56 -4.16 19.67 11.92
N THR B 57 -5.21 19.26 12.65
CA THR B 57 -6.51 19.93 12.49
C THR B 57 -6.41 21.41 12.80
N ARG B 58 -5.71 21.76 13.89
CA ARG B 58 -5.56 23.19 14.19
C ARG B 58 -4.83 23.93 13.08
N LEU B 59 -3.76 23.33 12.54
CA LEU B 59 -3.04 23.97 11.44
C LEU B 59 -3.93 24.13 10.20
N LEU B 60 -4.68 23.09 9.83
CA LEU B 60 -5.54 23.19 8.65
C LEU B 60 -6.62 24.26 8.83
N SER B 61 -7.18 24.34 10.04
CA SER B 61 -8.23 25.32 10.32
C SER B 61 -7.67 26.74 10.39
N GLU B 62 -6.56 26.94 11.12
CA GLU B 62 -6.07 28.28 11.38
C GLU B 62 -5.30 28.85 10.19
N GLN B 63 -4.57 28.00 9.46
CA GLN B 63 -3.78 28.51 8.33
C GLN B 63 -4.53 28.55 7.02
N ASP B 64 -5.62 27.78 6.89
CA ASP B 64 -6.45 27.68 5.69
C ASP B 64 -5.55 27.59 4.45
N PRO B 65 -4.69 26.57 4.37
CA PRO B 65 -3.64 26.56 3.36
C PRO B 65 -4.19 26.25 1.99
N GLY B 66 -3.50 26.75 0.96
CA GLY B 66 -3.83 26.42 -0.42
C GLY B 66 -3.26 25.11 -0.89
N ALA B 67 -2.34 24.52 -0.14
CA ALA B 67 -1.74 23.21 -0.44
C ALA B 67 -1.11 22.70 0.83
N VAL B 68 -1.00 21.37 0.94
CA VAL B 68 -0.53 20.69 2.15
C VAL B 68 0.50 19.64 1.76
N LEU B 69 1.73 19.81 2.27
CA LEU B 69 2.82 18.86 2.08
C LEU B 69 3.25 18.28 3.43
N LEU B 70 2.84 17.05 3.73
CA LEU B 70 3.20 16.38 4.96
C LEU B 70 4.44 15.53 4.69
N THR B 71 5.45 15.60 5.56
CA THR B 71 6.67 14.82 5.34
C THR B 71 7.05 14.00 6.57
N GLY B 72 7.87 12.97 6.33
CA GLY B 72 8.26 12.08 7.42
C GLY B 72 9.40 11.19 6.95
N LEU B 73 10.03 10.55 7.95
CA LEU B 73 11.14 9.62 7.69
C LEU B 73 10.64 8.24 7.28
N ALA B 74 11.27 7.66 6.25
CA ALA B 74 11.09 6.25 5.90
C ALA B 74 12.48 5.61 5.93
N ALA B 75 12.96 5.27 7.13
CA ALA B 75 14.30 4.71 7.25
C ALA B 75 14.39 3.38 6.54
N GLY B 76 15.30 3.29 5.57
CA GLY B 76 15.47 2.11 4.74
C GLY B 76 15.17 2.37 3.29
N ARG B 77 14.30 3.39 3.00
CA ARG B 77 14.07 3.71 1.59
C ARG B 77 15.26 4.48 1.02
N PRO B 78 15.63 4.21 -0.22
CA PRO B 78 16.83 4.85 -0.81
C PRO B 78 16.59 6.24 -1.40
N GLN B 79 15.34 6.57 -1.75
CA GLN B 79 15.05 7.78 -2.53
C GLN B 79 13.78 8.40 -1.96
N VAL B 80 13.66 9.73 -2.13
CA VAL B 80 12.38 10.37 -1.77
C VAL B 80 11.22 9.73 -2.53
N THR B 81 10.08 9.62 -1.85
CA THR B 81 8.87 9.01 -2.40
C THR B 81 7.62 9.82 -2.06
N LEU B 82 6.66 9.78 -2.97
CA LEU B 82 5.35 10.43 -2.80
C LEU B 82 4.30 9.34 -2.57
N GLU B 83 3.52 9.47 -1.47
CA GLU B 83 2.51 8.47 -1.13
C GLU B 83 1.25 8.66 -1.98
N ARG B 84 0.83 7.58 -2.63
CA ARG B 84 -0.39 7.67 -3.43
C ARG B 84 -1.64 7.66 -2.59
N VAL B 85 -1.62 6.95 -1.46
CA VAL B 85 -2.87 6.62 -0.77
C VAL B 85 -2.64 6.59 0.74
N GLY B 86 -3.60 7.19 1.46
CA GLY B 86 -3.66 7.06 2.92
C GLY B 86 -4.80 6.11 3.27
N VAL B 87 -4.48 5.08 4.06
CA VAL B 87 -5.43 4.02 4.39
C VAL B 87 -5.98 4.24 5.80
N GLY B 88 -7.28 4.00 5.97
CA GLY B 88 -7.98 4.30 7.23
C GLY B 88 -7.78 3.25 8.31
N VAL B 89 -6.55 2.80 8.50
CA VAL B 89 -6.24 1.79 9.52
C VAL B 89 -4.96 2.19 10.25
N MET B 90 -4.94 1.94 11.55
N MET B 90 -4.95 1.97 11.56
CA MET B 90 -3.77 2.07 12.41
CA MET B 90 -3.75 2.08 12.39
C MET B 90 -3.29 0.66 12.78
C MET B 90 -3.28 0.69 12.78
N ASP B 91 -2.06 0.34 12.39
CA ASP B 91 -1.47 -0.95 12.76
C ASP B 91 0.02 -0.73 12.93
N PHE B 92 0.47 -0.71 14.19
CA PHE B 92 1.80 -0.23 14.52
C PHE B 92 2.74 -1.41 14.72
N GLN B 93 3.82 -1.46 13.94
CA GLN B 93 4.84 -2.48 14.13
C GLN B 93 5.78 -2.15 15.28
N ILE B 94 5.96 -0.87 15.61
CA ILE B 94 6.71 -0.40 16.78
C ILE B 94 5.80 0.57 17.52
N PRO B 95 6.05 0.78 18.81
CA PRO B 95 5.23 1.74 19.55
C PRO B 95 5.48 3.16 19.04
N ASP B 96 4.47 4.00 19.26
CA ASP B 96 4.64 5.43 19.00
C ASP B 96 5.36 6.04 20.20
N ASN B 97 5.52 7.36 20.23
CA ASN B 97 6.31 8.02 21.26
C ASN B 97 5.60 8.11 22.61
N ALA B 98 4.35 7.68 22.68
CA ALA B 98 3.68 7.45 23.95
C ALA B 98 3.77 5.98 24.39
N GLY B 99 4.50 5.14 23.65
CA GLY B 99 4.59 3.72 23.98
C GLY B 99 3.38 2.93 23.55
N GLN B 100 2.55 3.51 22.72
CA GLN B 100 1.24 2.99 22.37
C GLN B 100 1.32 2.18 21.08
N THR B 101 0.48 1.15 20.98
CA THR B 101 0.34 0.43 19.70
C THR B 101 -1.14 0.25 19.38
N TYR B 102 -1.41 0.04 18.11
CA TYR B 102 -2.75 -0.22 17.61
C TYR B 102 -2.65 -1.42 16.69
N ARG B 103 -3.68 -2.28 16.73
CA ARG B 103 -3.75 -3.48 15.90
C ARG B 103 -5.04 -3.42 15.07
N ASP B 104 -4.90 -3.32 13.72
CA ASP B 104 -6.05 -3.39 12.80
C ASP B 104 -7.15 -2.40 13.16
N GLN B 105 -6.76 -1.18 13.57
CA GLN B 105 -7.73 -0.26 14.16
C GLN B 105 -8.24 0.73 13.13
N PRO B 106 -9.54 0.78 12.83
CA PRO B 106 -10.05 1.81 11.90
C PRO B 106 -9.83 3.21 12.47
N ILE B 107 -9.45 4.14 11.59
CA ILE B 107 -9.17 5.49 12.07
C ILE B 107 -10.47 6.21 12.41
N GLU B 108 -11.50 6.05 11.58
CA GLU B 108 -12.74 6.81 11.73
C GLU B 108 -13.92 5.92 11.43
N PRO B 109 -14.88 5.81 12.35
CA PRO B 109 -16.11 5.07 12.05
C PRO B 109 -16.85 5.74 10.89
N ASP B 110 -17.36 4.92 9.97
CA ASP B 110 -18.26 5.41 8.92
C ASP B 110 -17.59 6.37 7.97
N ALA B 111 -16.32 6.14 7.66
CA ALA B 111 -15.58 6.95 6.71
C ALA B 111 -14.96 6.04 5.65
N PRO B 112 -14.44 6.60 4.55
CA PRO B 112 -13.86 5.75 3.49
C PRO B 112 -12.71 4.90 3.98
N ALA B 113 -12.54 3.75 3.31
CA ALA B 113 -11.39 2.89 3.57
C ALA B 113 -10.07 3.59 3.32
N ALA B 114 -10.04 4.54 2.36
CA ALA B 114 -8.82 5.22 2.02
C ALA B 114 -9.15 6.55 1.34
N TYR B 115 -8.13 7.42 1.27
CA TYR B 115 -8.16 8.63 0.44
C TYR B 115 -6.94 8.63 -0.47
N LEU B 116 -7.15 8.89 -1.76
CA LEU B 116 -6.00 9.15 -2.64
C LEU B 116 -5.42 10.54 -2.37
N ALA B 117 -4.09 10.64 -2.35
CA ALA B 117 -3.46 11.94 -2.28
C ALA B 117 -3.87 12.77 -3.49
N THR B 118 -3.96 14.10 -3.28
CA THR B 118 -4.42 15.01 -4.34
C THR B 118 -3.31 15.96 -4.80
N LEU B 119 -2.06 15.66 -4.46
CA LEU B 119 -0.92 16.37 -5.03
C LEU B 119 -0.77 16.01 -6.51
N PRO B 120 -0.10 16.89 -7.29
CA PRO B 120 0.17 16.60 -8.70
C PRO B 120 1.40 15.69 -8.79
N LEU B 121 1.17 14.38 -8.61
CA LEU B 121 2.28 13.43 -8.42
C LEU B 121 3.26 13.47 -9.58
N ARG B 122 2.77 13.39 -10.83
CA ARG B 122 3.70 13.31 -11.95
C ARG B 122 4.47 14.62 -12.14
N ALA B 123 3.84 15.76 -11.86
CA ALA B 123 4.56 17.03 -11.96
C ALA B 123 5.69 17.11 -10.94
N ILE B 124 5.47 16.57 -9.73
CA ILE B 124 6.55 16.56 -8.75
C ILE B 124 7.69 15.64 -9.20
N LEU B 125 7.37 14.43 -9.65
CA LEU B 125 8.42 13.53 -10.14
C LEU B 125 9.23 14.18 -11.24
N ALA B 126 8.56 14.92 -12.14
CA ALA B 126 9.26 15.55 -13.25
C ALA B 126 10.16 16.68 -12.74
N ALA B 127 9.67 17.44 -11.75
CA ALA B 127 10.50 18.50 -11.20
C ALA B 127 11.73 17.92 -10.49
N TRP B 128 11.53 16.83 -9.76
CA TRP B 128 12.66 16.15 -9.12
C TRP B 128 13.67 15.69 -10.18
N ARG B 129 13.19 15.05 -11.25
CA ARG B 129 14.13 14.57 -12.28
C ARG B 129 14.90 15.73 -12.93
N GLU B 130 14.22 16.84 -13.19
CA GLU B 130 14.90 17.99 -13.77
C GLU B 130 15.98 18.52 -12.83
N ALA B 131 15.74 18.40 -11.51
CA ALA B 131 16.72 18.79 -10.50
C ALA B 131 17.73 17.70 -10.17
N GLU B 132 17.75 16.61 -10.96
CA GLU B 132 18.67 15.48 -10.79
C GLU B 132 18.45 14.76 -9.46
N ILE B 133 17.21 14.69 -9.02
CA ILE B 133 16.83 13.98 -7.79
C ILE B 133 16.07 12.72 -8.19
N PRO B 134 16.60 11.52 -7.90
CA PRO B 134 15.83 10.27 -8.07
C PRO B 134 14.66 10.20 -7.11
N GLY B 135 13.51 9.70 -7.59
CA GLY B 135 12.36 9.54 -6.71
C GLY B 135 11.24 8.81 -7.40
N ASP B 136 10.19 8.51 -6.63
CA ASP B 136 9.10 7.69 -7.21
C ASP B 136 7.86 7.84 -6.36
N ILE B 137 6.77 7.27 -6.85
CA ILE B 137 5.52 7.14 -6.08
C ILE B 137 5.58 5.83 -5.28
N SER B 138 5.10 5.90 -4.03
CA SER B 138 4.91 4.76 -3.15
C SER B 138 3.42 4.50 -3.01
N ASN B 139 3.05 3.22 -2.99
CA ASN B 139 1.64 2.87 -2.90
C ASN B 139 1.26 2.33 -1.52
N SER B 140 2.16 2.39 -0.55
CA SER B 140 1.79 2.24 0.85
C SER B 140 2.68 3.13 1.72
N ALA B 141 2.06 3.94 2.58
CA ALA B 141 2.78 4.80 3.53
C ALA B 141 3.05 4.10 4.85
N GLY B 142 2.85 2.77 4.91
CA GLY B 142 2.74 2.08 6.19
C GLY B 142 1.38 2.37 6.83
N LEU B 143 1.18 1.82 8.04
CA LEU B 143 -0.03 2.08 8.82
C LEU B 143 0.33 2.70 10.19
N TYR B 144 1.46 3.42 10.24
CA TYR B 144 1.95 4.08 11.44
C TYR B 144 1.51 5.56 11.41
N VAL B 145 2.27 6.45 12.01
CA VAL B 145 1.73 7.81 12.24
C VAL B 145 1.75 8.64 10.95
N CYS B 146 2.71 8.41 10.03
CA CYS B 146 2.70 9.16 8.76
C CYS B 146 1.46 8.84 7.95
N ASN B 147 1.14 7.55 7.79
CA ASN B 147 -0.11 7.22 7.13
C ASN B 147 -1.31 7.85 7.83
N PHE B 148 -1.32 7.80 9.16
CA PHE B 148 -2.43 8.37 9.93
C PHE B 148 -2.66 9.83 9.57
N VAL B 149 -1.58 10.65 9.50
CA VAL B 149 -1.82 12.08 9.27
C VAL B 149 -2.21 12.34 7.82
N LEU B 150 -1.77 11.47 6.90
CA LEU B 150 -2.16 11.61 5.50
C LEU B 150 -3.65 11.38 5.36
N TYR B 151 -4.15 10.26 5.92
CA TYR B 151 -5.59 10.00 5.93
C TYR B 151 -6.32 11.12 6.66
N HIS B 152 -5.83 11.50 7.84
CA HIS B 152 -6.50 12.52 8.64
C HIS B 152 -6.66 13.83 7.86
N ALA B 153 -5.59 14.28 7.20
CA ALA B 153 -5.68 15.56 6.50
C ALA B 153 -6.63 15.47 5.31
N LEU B 154 -6.56 14.39 4.52
CA LEU B 154 -7.43 14.28 3.35
C LEU B 154 -8.89 14.23 3.77
N HIS B 155 -9.19 13.50 4.86
CA HIS B 155 -10.55 13.41 5.37
C HIS B 155 -11.06 14.78 5.85
N TRP B 156 -10.24 15.47 6.65
CA TRP B 156 -10.64 16.79 7.16
C TRP B 156 -10.92 17.75 6.00
N LEU B 157 -10.02 17.78 5.02
CA LEU B 157 -10.21 18.68 3.88
C LEU B 157 -11.51 18.36 3.14
N ARG B 158 -11.77 17.07 2.89
CA ARG B 158 -13.00 16.70 2.20
C ARG B 158 -14.23 17.10 3.02
N GLU B 159 -14.21 16.79 4.32
CA GLU B 159 -15.39 17.09 5.15
C GLU B 159 -15.64 18.58 5.32
N HIS B 160 -14.62 19.40 5.11
CA HIS B 160 -14.75 20.85 5.24
C HIS B 160 -14.89 21.55 3.90
N GLY B 161 -15.28 20.81 2.86
CA GLY B 161 -15.52 21.43 1.56
C GLY B 161 -14.26 21.89 0.86
N ARG B 162 -13.11 21.37 1.26
CA ARG B 162 -11.81 21.80 0.76
C ARG B 162 -11.07 20.65 0.10
N GLY B 163 -11.83 19.70 -0.47
CA GLY B 163 -11.23 18.60 -1.18
C GLY B 163 -10.38 18.99 -2.36
N ALA B 164 -10.58 20.18 -2.90
CA ALA B 164 -9.74 20.65 -3.99
C ALA B 164 -8.35 21.11 -3.54
N VAL B 165 -8.10 21.28 -2.24
CA VAL B 165 -6.77 21.69 -1.78
C VAL B 165 -5.79 20.53 -1.97
N PRO B 166 -4.76 20.67 -2.80
CA PRO B 166 -3.82 19.56 -3.02
C PRO B 166 -3.13 19.18 -1.71
N CYS B 167 -3.11 17.89 -1.42
CA CYS B 167 -2.64 17.41 -0.14
C CYS B 167 -2.01 16.03 -0.32
N GLY B 168 -0.82 15.86 0.22
CA GLY B 168 -0.20 14.56 0.18
C GLY B 168 0.95 14.41 1.14
N PHE B 169 1.67 13.29 0.98
CA PHE B 169 2.74 12.88 1.85
C PHE B 169 4.02 12.61 1.08
N LEU B 170 5.13 13.08 1.64
CA LEU B 170 6.47 12.91 1.07
C LEU B 170 7.34 12.22 2.13
N HIS B 171 7.72 10.95 1.87
CA HIS B 171 8.61 10.21 2.76
CA HIS B 171 8.61 10.21 2.75
C HIS B 171 10.05 10.42 2.31
N VAL B 172 10.95 10.65 3.29
CA VAL B 172 12.35 10.91 2.96
C VAL B 172 13.24 9.82 3.54
N PRO B 173 14.37 9.52 2.91
CA PRO B 173 15.33 8.58 3.50
C PRO B 173 15.93 9.08 4.81
N ALA B 174 16.66 8.17 5.47
CA ALA B 174 17.55 8.55 6.56
C ALA B 174 18.50 9.65 6.10
N ASN B 175 18.85 10.58 6.99
CA ASN B 175 20.01 11.42 6.76
C ASN B 175 21.23 10.77 7.42
N ALA B 176 22.39 11.47 7.43
CA ALA B 176 23.59 10.85 8.00
C ALA B 176 23.40 10.53 9.48
N ALA B 177 22.75 11.44 10.23
CA ALA B 177 22.61 11.22 11.67
C ALA B 177 21.82 9.94 11.96
N VAL B 178 20.76 9.71 11.18
CA VAL B 178 19.96 8.50 11.33
C VAL B 178 20.80 7.28 10.99
N ALA B 179 21.55 7.34 9.88
CA ALA B 179 22.33 6.17 9.46
C ALA B 179 23.47 5.87 10.44
N LEU B 180 24.09 6.91 11.04
CA LEU B 180 25.22 6.73 11.96
C LEU B 180 24.82 6.05 13.28
N ALA B 181 23.55 6.13 13.66
CA ALA B 181 23.07 5.58 14.93
C ALA B 181 22.66 4.11 14.84
N VAL B 182 22.61 3.54 13.64
CA VAL B 182 22.25 2.14 13.47
C VAL B 182 23.26 1.22 14.19
N PRO B 183 22.80 0.26 14.99
CA PRO B 183 23.75 -0.62 15.69
C PRO B 183 24.55 -1.48 14.73
N ALA B 184 25.71 -1.89 15.23
CA ALA B 184 26.62 -2.66 14.40
C ALA B 184 26.05 -4.03 14.04
N ASP B 185 25.05 -4.52 14.78
CA ASP B 185 24.43 -5.81 14.51
C ASP B 185 23.32 -5.72 13.46
N ARG B 186 23.06 -4.55 12.88
CA ARG B 186 21.95 -4.34 11.96
C ARG B 186 22.47 -3.95 10.58
N PRO B 187 21.66 -4.15 9.53
CA PRO B 187 22.12 -3.80 8.20
C PRO B 187 22.25 -2.30 8.04
N PRO B 188 23.19 -1.83 7.24
CA PRO B 188 23.32 -0.39 7.02
C PRO B 188 22.12 0.18 6.28
N LEU B 189 21.80 1.47 6.57
CA LEU B 189 20.69 2.14 5.91
C LEU B 189 21.16 2.91 4.68
N PRO B 190 20.45 2.85 3.57
CA PRO B 190 20.58 3.94 2.59
C PRO B 190 20.32 5.27 3.28
N TYR B 191 21.03 6.31 2.84
CA TYR B 191 20.85 7.63 3.44
C TYR B 191 21.15 8.71 2.41
N LEU B 192 20.77 9.93 2.74
CA LEU B 192 21.11 11.10 1.92
C LEU B 192 21.58 12.20 2.85
N PRO B 193 22.56 13.02 2.45
CA PRO B 193 22.88 14.18 3.28
C PRO B 193 21.62 15.02 3.47
N GLN B 194 21.53 15.67 4.64
CA GLN B 194 20.34 16.47 4.90
C GLN B 194 20.10 17.52 3.81
N SER B 195 21.17 18.11 3.25
CA SER B 195 20.96 19.16 2.25
C SER B 195 20.27 18.62 0.99
N GLU B 196 20.53 17.36 0.63
CA GLU B 196 19.81 16.75 -0.49
C GLU B 196 18.33 16.53 -0.16
N ILE B 197 18.05 16.05 1.06
CA ILE B 197 16.66 15.84 1.50
C ILE B 197 15.90 17.17 1.50
N THR B 198 16.46 18.19 2.14
CA THR B 198 15.79 19.49 2.18
C THR B 198 15.54 20.01 0.77
N ARG B 199 16.52 19.90 -0.12
CA ARG B 199 16.34 20.35 -1.50
C ARG B 199 15.20 19.57 -2.16
N ALA B 200 15.08 18.26 -1.90
CA ALA B 200 13.99 17.48 -2.48
C ALA B 200 12.64 17.99 -2.02
N VAL B 201 12.53 18.31 -0.72
CA VAL B 201 11.27 18.84 -0.20
C VAL B 201 10.96 20.19 -0.84
N ARG B 202 11.98 21.03 -0.96
CA ARG B 202 11.83 22.36 -1.58
C ARG B 202 11.35 22.24 -3.02
N VAL B 203 11.97 21.36 -3.80
CA VAL B 203 11.59 21.17 -5.20
C VAL B 203 10.14 20.69 -5.30
N ALA B 204 9.73 19.77 -4.42
CA ALA B 204 8.34 19.33 -4.40
C ALA B 204 7.41 20.48 -4.09
N ALA B 205 7.77 21.29 -3.07
CA ALA B 205 6.93 22.45 -2.70
C ALA B 205 6.77 23.41 -3.88
N GLU B 206 7.86 23.66 -4.60
CA GLU B 206 7.82 24.57 -5.73
C GLU B 206 6.94 24.03 -6.85
N ALA B 207 7.00 22.72 -7.08
CA ALA B 207 6.17 22.13 -8.14
C ALA B 207 4.69 22.18 -7.77
N ILE B 208 4.37 21.93 -6.49
CA ILE B 208 2.98 21.94 -6.06
C ILE B 208 2.38 23.33 -6.26
N THR B 209 3.11 24.36 -5.84
CA THR B 209 2.51 25.68 -5.92
C THR B 209 2.50 26.21 -7.34
N ALA B 210 3.45 25.78 -8.17
CA ALA B 210 3.42 26.15 -9.57
C ALA B 210 2.18 25.58 -10.25
N GLN B 211 1.77 24.37 -9.84
CA GLN B 211 0.61 23.74 -10.48
C GLN B 211 -0.68 24.41 -10.07
N SER B 212 -0.74 24.94 -8.85
CA SER B 212 -1.96 25.63 -8.43
C SER B 212 -2.10 26.98 -9.12
N SER B 213 -1.93 27.00 -10.44
CA SER B 213 -2.06 28.23 -11.24
C SER B 213 -2.45 27.93 -12.69
NA NA C . -23.06 -22.88 -2.35
NA NA D . 4.49 4.55 -12.25
S DMS E . -9.61 -8.26 9.38
O DMS E . -8.86 -9.53 9.57
C1 DMS E . -10.20 -8.01 7.69
C2 DMS E . -8.56 -6.80 9.66
S DMS F . -8.53 -32.85 -3.76
O DMS F . -7.40 -31.85 -3.89
C1 DMS F . -8.78 -33.64 -5.36
C2 DMS F . -8.07 -34.23 -2.68
N PCA G . 1.45 -11.59 -9.97
CA PCA G . 1.24 -10.29 -10.64
CB PCA G . 0.21 -10.52 -11.77
CG PCA G . -0.06 -12.03 -11.85
CD PCA G . 0.71 -12.57 -10.67
OE PCA G . 0.66 -13.79 -10.34
C PCA G . 0.82 -9.22 -9.60
O PCA G . 0.09 -8.26 -9.90
OXT PCA G . 1.18 -9.30 -8.40
S DMS H . -2.50 12.43 -9.33
O DMS H . -1.23 13.12 -9.63
C1 DMS H . -3.09 12.53 -7.62
C2 DMS H . -2.37 10.65 -9.62
N PCA I . 8.14 8.24 10.11
CA PCA I . 7.16 7.38 10.77
CB PCA I . 6.48 8.22 11.88
CG PCA I . 7.20 9.56 11.95
CD PCA I . 8.16 9.50 10.79
OE PCA I . 8.89 10.46 10.49
C PCA I . 6.19 6.79 9.74
O PCA I . 5.00 6.53 9.99
OXT PCA I . 6.58 6.57 8.56
#